data_4DN6
#
_entry.id   4DN6
#
_cell.length_a   116.114
_cell.length_b   116.114
_cell.length_c   45.830
_cell.angle_alpha   90.000
_cell.angle_beta   90.000
_cell.angle_gamma   90.000
#
_symmetry.space_group_name_H-M   'P 42 21 2'
#
loop_
_entity.id
_entity.type
_entity.pdbx_description
1 polymer 'Putative pilus assembly protein CpaE'
2 water water
#
_entity_poly.entity_id   1
_entity_poly.type   'polypeptide(L)'
_entity_poly.pdbx_seq_one_letter_code
;(MSE)GSDKIHHHHHHENLYFQG(MSE)INILVASEDASRLAHLARLVGDAGRYRVTRTVGRAAQIVQRTDGLDAFDIL
(MSE)IDGVALDTAELAAIEKLSRLHPGLTC(MSE)LVSADASSQTLLEA(MSE)RAGVRDVLRWPLEPRALDDALKRAA
SQCAQRD
;
_entity_poly.pdbx_strand_id   A,B
#
# COMPACT_ATOMS: atom_id res chain seq x y z
N TYR A 16 4.40 25.02 -1.72
CA TYR A 16 4.99 26.14 -2.45
C TYR A 16 5.70 25.61 -3.73
N PHE A 17 6.81 24.82 -3.58
CA PHE A 17 7.59 24.25 -4.68
C PHE A 17 7.21 22.78 -4.85
N GLN A 18 6.47 22.50 -5.94
CA GLN A 18 5.97 21.21 -6.40
C GLN A 18 6.75 20.75 -7.62
N GLY A 19 7.54 21.68 -8.18
CA GLY A 19 8.38 21.46 -9.37
C GLY A 19 9.51 20.50 -9.08
N ILE A 21 8.72 17.69 -7.39
CA ILE A 21 8.01 16.43 -7.49
C ILE A 21 7.98 15.99 -8.96
N ASN A 22 8.74 14.91 -9.27
CA ASN A 22 8.81 14.32 -10.60
C ASN A 22 7.82 13.19 -10.71
N ILE A 23 6.82 13.36 -11.58
CA ILE A 23 5.82 12.32 -11.77
C ILE A 23 6.00 11.66 -13.14
N LEU A 24 5.99 10.32 -13.15
CA LEU A 24 5.99 9.49 -14.36
C LEU A 24 4.56 8.97 -14.55
N VAL A 25 3.98 9.24 -15.71
CA VAL A 25 2.60 8.83 -16.04
C VAL A 25 2.71 7.77 -17.17
N ALA A 26 2.05 6.62 -16.99
CA ALA A 26 2.18 5.51 -17.93
C ALA A 26 0.85 4.87 -18.28
N SER A 27 0.70 4.59 -19.59
CA SER A 27 -0.43 3.95 -20.26
C SER A 27 -0.03 3.49 -21.62
N GLU A 28 -0.57 2.34 -22.05
CA GLU A 28 -0.36 1.80 -23.39
C GLU A 28 -1.25 2.56 -24.40
N ASP A 29 -2.34 3.21 -23.90
CA ASP A 29 -3.28 4.01 -24.67
C ASP A 29 -2.87 5.48 -24.62
N ALA A 30 -2.28 5.95 -25.73
CA ALA A 30 -1.81 7.33 -25.91
C ALA A 30 -2.92 8.37 -25.66
N SER A 31 -4.18 8.07 -26.04
CA SER A 31 -5.33 8.96 -25.82
C SER A 31 -5.58 9.16 -24.30
N ARG A 32 -5.58 8.05 -23.51
CA ARG A 32 -5.76 8.12 -22.05
C ARG A 32 -4.57 8.80 -21.38
N LEU A 33 -3.36 8.52 -21.91
CA LEU A 33 -2.11 9.04 -21.37
C LEU A 33 -2.08 10.54 -21.45
N ALA A 34 -2.39 11.09 -22.63
CA ALA A 34 -2.42 12.53 -22.89
C ALA A 34 -3.38 13.21 -21.92
N HIS A 35 -4.60 12.67 -21.79
CA HIS A 35 -5.63 13.16 -20.90
C HIS A 35 -5.12 13.19 -19.46
N LEU A 36 -4.56 12.07 -18.95
CA LEU A 36 -4.04 11.93 -17.59
CA LEU A 36 -4.07 11.93 -17.58
C LEU A 36 -2.95 12.95 -17.30
N ALA A 37 -1.94 13.07 -18.19
CA ALA A 37 -0.82 13.99 -18.01
C ALA A 37 -1.29 15.43 -17.94
N ARG A 38 -2.37 15.75 -18.68
CA ARG A 38 -2.99 17.05 -18.75
C ARG A 38 -3.62 17.45 -17.40
N LEU A 39 -4.34 16.53 -16.77
CA LEU A 39 -5.02 16.72 -15.49
C LEU A 39 -4.02 16.81 -14.34
N VAL A 40 -2.89 16.07 -14.44
CA VAL A 40 -1.81 16.07 -13.44
C VAL A 40 -1.14 17.44 -13.49
N GLY A 41 -1.04 18.03 -14.68
CA GLY A 41 -0.49 19.36 -14.90
C GLY A 41 -1.38 20.43 -14.28
N ASP A 42 -2.70 20.29 -14.47
CA ASP A 42 -3.71 21.22 -13.93
C ASP A 42 -3.81 21.13 -12.38
N ALA A 43 -3.38 19.99 -11.78
CA ALA A 43 -3.44 19.73 -10.35
C ALA A 43 -2.39 20.50 -9.53
N GLY A 44 -1.32 20.96 -10.18
CA GLY A 44 -0.25 21.70 -9.55
C GLY A 44 1.00 21.86 -10.41
N ARG A 45 2.02 22.53 -9.87
CA ARG A 45 3.24 22.81 -10.64
C ARG A 45 4.23 21.62 -10.50
N TYR A 46 3.79 20.40 -10.86
CA TYR A 46 4.59 19.16 -10.85
C TYR A 46 5.32 18.99 -12.19
N ARG A 47 6.39 18.14 -12.21
CA ARG A 47 7.17 17.83 -13.42
C ARG A 47 6.69 16.47 -13.97
N VAL A 48 5.78 16.52 -14.94
CA VAL A 48 5.14 15.35 -15.53
C VAL A 48 5.95 14.86 -16.75
N THR A 49 6.21 13.54 -16.77
CA THR A 49 6.88 12.78 -17.82
C THR A 49 5.92 11.66 -18.21
N ARG A 50 5.67 11.51 -19.53
CA ARG A 50 4.75 10.56 -20.15
C ARG A 50 5.49 9.36 -20.69
N THR A 51 4.89 8.17 -20.65
CA THR A 51 5.49 7.00 -21.27
C THR A 51 4.36 6.09 -21.77
N VAL A 52 4.44 5.69 -23.04
CA VAL A 52 3.45 4.81 -23.62
C VAL A 52 3.93 3.40 -23.36
N GLY A 53 3.19 2.72 -22.51
CA GLY A 53 3.49 1.35 -22.16
C GLY A 53 2.89 0.88 -20.86
N ARG A 54 2.82 -0.44 -20.77
CA ARG A 54 2.35 -1.17 -19.59
C ARG A 54 3.41 -1.15 -18.50
N ALA A 55 3.05 -1.40 -17.21
CA ALA A 55 4.06 -1.55 -16.16
C ALA A 55 5.01 -2.74 -16.50
N ALA A 56 4.44 -3.80 -17.13
CA ALA A 56 5.12 -5.00 -17.61
C ALA A 56 6.27 -4.65 -18.57
N GLN A 57 6.22 -3.45 -19.17
CA GLN A 57 7.20 -2.93 -20.11
C GLN A 57 8.16 -2.00 -19.39
N ILE A 58 7.69 -1.29 -18.35
CA ILE A 58 8.50 -0.36 -17.56
C ILE A 58 9.52 -1.18 -16.70
N VAL A 59 9.13 -2.39 -16.25
CA VAL A 59 9.99 -3.28 -15.47
C VAL A 59 11.28 -3.66 -16.28
N GLN A 60 11.16 -3.78 -17.63
CA GLN A 60 12.24 -4.14 -18.56
C GLN A 60 13.18 -2.94 -18.86
N ARG A 61 12.64 -1.70 -18.75
CA ARG A 61 13.33 -0.42 -18.98
C ARG A 61 13.42 0.37 -17.63
N THR A 62 13.81 -0.38 -16.57
CA THR A 62 13.96 0.06 -15.18
C THR A 62 15.04 1.18 -14.98
N ASP A 63 15.97 1.31 -15.94
CA ASP A 63 17.06 2.28 -15.90
C ASP A 63 16.52 3.72 -15.93
N GLY A 64 16.46 4.34 -14.73
CA GLY A 64 16.04 5.73 -14.56
C GLY A 64 14.89 6.06 -13.62
N LEU A 65 14.14 5.05 -13.14
CA LEU A 65 12.98 5.26 -12.26
C LEU A 65 13.32 5.94 -10.93
N ASP A 66 14.60 5.96 -10.53
CA ASP A 66 15.09 6.59 -9.29
C ASP A 66 14.92 8.12 -9.31
N ALA A 67 14.69 8.71 -10.49
CA ALA A 67 14.50 10.13 -10.68
C ALA A 67 13.10 10.57 -10.28
N PHE A 68 12.14 9.66 -10.26
CA PHE A 68 10.74 9.96 -10.01
C PHE A 68 10.31 9.69 -8.56
N ASP A 69 9.35 10.51 -8.09
CA ASP A 69 8.74 10.48 -6.77
C ASP A 69 7.41 9.72 -6.80
N ILE A 70 6.61 9.95 -7.86
CA ILE A 70 5.31 9.32 -8.06
C ILE A 70 5.28 8.62 -9.42
N LEU A 71 4.76 7.40 -9.47
CA LEU A 71 4.50 6.64 -10.70
C LEU A 71 2.99 6.43 -10.82
N ILE A 73 0.04 4.62 -12.98
CA ILE A 73 -0.24 3.60 -13.97
C ILE A 73 -1.73 3.54 -14.22
N ASP A 74 -2.08 3.52 -15.50
CA ASP A 74 -3.40 3.29 -16.04
C ASP A 74 -3.76 1.81 -15.85
N GLY A 75 -4.86 1.55 -15.15
CA GLY A 75 -5.31 0.19 -14.88
C GLY A 75 -6.07 -0.43 -16.02
N VAL A 76 -6.02 0.19 -17.19
CA VAL A 76 -6.68 -0.21 -18.42
C VAL A 76 -6.14 -1.60 -18.86
N ALA A 77 -4.86 -1.86 -18.55
CA ALA A 77 -4.18 -3.10 -18.88
C ALA A 77 -3.87 -3.93 -17.61
N LEU A 78 -4.67 -3.74 -16.51
CA LEU A 78 -4.43 -4.46 -15.24
C LEU A 78 -4.75 -5.96 -15.35
N ASP A 79 -3.69 -6.78 -15.24
CA ASP A 79 -3.74 -8.23 -15.31
C ASP A 79 -2.62 -8.74 -14.41
N THR A 80 -2.48 -10.08 -14.27
CA THR A 80 -1.49 -10.81 -13.49
C THR A 80 -0.05 -10.27 -13.76
N ALA A 81 0.33 -10.10 -15.05
CA ALA A 81 1.64 -9.58 -15.46
C ALA A 81 1.87 -8.18 -14.97
N GLU A 82 0.85 -7.29 -15.02
CA GLU A 82 0.98 -5.91 -14.53
C GLU A 82 1.16 -5.87 -13.05
N LEU A 83 0.36 -6.67 -12.33
CA LEU A 83 0.47 -6.68 -10.88
C LEU A 83 1.84 -7.21 -10.45
N ALA A 84 2.40 -8.17 -11.20
CA ALA A 84 3.74 -8.71 -10.94
C ALA A 84 4.80 -7.63 -11.18
N ALA A 85 4.58 -6.83 -12.24
CA ALA A 85 5.46 -5.75 -12.66
C ALA A 85 5.46 -4.60 -11.66
N ILE A 86 4.27 -4.20 -11.14
CA ILE A 86 4.11 -3.14 -10.17
C ILE A 86 4.76 -3.57 -8.86
N GLU A 87 4.58 -4.84 -8.47
CA GLU A 87 5.17 -5.37 -7.26
C GLU A 87 6.71 -5.32 -7.37
N LYS A 88 7.26 -5.64 -8.56
CA LYS A 88 8.70 -5.66 -8.79
C LYS A 88 9.24 -4.21 -8.80
N LEU A 89 8.46 -3.25 -9.35
CA LEU A 89 8.81 -1.84 -9.42
C LEU A 89 8.84 -1.20 -8.05
N SER A 90 7.76 -1.39 -7.27
CA SER A 90 7.60 -0.81 -5.95
C SER A 90 8.65 -1.32 -4.99
N ARG A 91 9.01 -2.63 -5.11
CA ARG A 91 9.98 -3.33 -4.28
C ARG A 91 11.42 -2.86 -4.57
N LEU A 92 11.73 -2.56 -5.86
CA LEU A 92 13.06 -2.10 -6.28
C LEU A 92 13.25 -0.58 -6.13
N HIS A 93 12.15 0.19 -6.02
CA HIS A 93 12.19 1.65 -5.88
C HIS A 93 11.27 2.05 -4.72
N PRO A 94 11.79 2.02 -3.47
CA PRO A 94 10.95 2.33 -2.31
C PRO A 94 10.56 3.81 -2.22
N GLY A 95 11.40 4.71 -2.71
CA GLY A 95 11.13 6.14 -2.76
C GLY A 95 10.10 6.54 -3.81
N LEU A 96 9.62 5.54 -4.60
CA LEU A 96 8.61 5.71 -5.63
C LEU A 96 7.23 5.32 -5.11
N THR A 97 6.31 6.29 -5.11
CA THR A 97 4.91 6.15 -4.73
C THR A 97 4.14 5.68 -5.98
N CYS A 98 3.63 4.45 -5.98
CA CYS A 98 2.87 3.97 -7.12
C CYS A 98 1.40 4.18 -6.87
N LEU A 100 -2.50 3.87 -8.96
CA LEU A 100 -3.22 3.20 -10.00
C LEU A 100 -4.48 3.97 -10.33
N VAL A 101 -4.74 4.16 -11.64
CA VAL A 101 -5.92 4.84 -12.12
C VAL A 101 -6.78 3.79 -12.75
N SER A 102 -7.90 3.45 -12.10
CA SER A 102 -8.74 2.36 -12.61
C SER A 102 -10.20 2.70 -12.49
N ALA A 103 -11.02 2.07 -13.35
CA ALA A 103 -12.47 2.21 -13.34
C ALA A 103 -13.08 1.14 -12.41
N ASP A 104 -12.27 0.10 -12.10
CA ASP A 104 -12.57 -1.05 -11.25
C ASP A 104 -12.47 -0.64 -9.78
N ALA A 105 -13.63 -0.51 -9.12
CA ALA A 105 -13.69 -0.11 -7.72
C ALA A 105 -13.88 -1.33 -6.74
N SER A 106 -13.66 -2.58 -7.22
CA SER A 106 -13.89 -3.77 -6.39
C SER A 106 -12.84 -3.90 -5.29
N SER A 107 -13.29 -4.40 -4.13
CA SER A 107 -12.47 -4.65 -2.95
C SER A 107 -11.29 -5.57 -3.28
N GLN A 108 -11.53 -6.57 -4.12
CA GLN A 108 -10.58 -7.59 -4.52
C GLN A 108 -9.44 -6.97 -5.32
N THR A 109 -9.75 -6.09 -6.29
CA THR A 109 -8.77 -5.41 -7.12
C THR A 109 -7.93 -4.46 -6.26
N LEU A 110 -8.58 -3.76 -5.31
CA LEU A 110 -7.88 -2.85 -4.38
C LEU A 110 -6.86 -3.62 -3.55
N LEU A 111 -7.28 -4.77 -3.02
CA LEU A 111 -6.49 -5.69 -2.24
C LEU A 111 -5.30 -6.20 -3.05
N GLU A 112 -5.50 -6.53 -4.34
CA GLU A 112 -4.42 -6.95 -5.24
C GLU A 112 -3.39 -5.87 -5.45
N ALA A 113 -3.85 -4.62 -5.69
CA ALA A 113 -3.04 -3.43 -5.88
C ALA A 113 -2.22 -3.13 -4.64
N ARG A 115 -1.35 -5.23 -2.27
CA ARG A 115 -0.42 -6.35 -2.17
C ARG A 115 0.71 -6.23 -3.16
N ALA A 116 0.50 -5.49 -4.27
CA ALA A 116 1.53 -5.24 -5.27
C ALA A 116 2.31 -3.94 -4.93
N GLY A 117 1.97 -3.26 -3.84
CA GLY A 117 2.67 -2.06 -3.43
C GLY A 117 2.07 -0.74 -3.88
N VAL A 118 0.84 -0.75 -4.43
CA VAL A 118 0.14 0.47 -4.84
C VAL A 118 -0.24 1.20 -3.57
N ARG A 119 0.12 2.49 -3.45
CA ARG A 119 -0.12 3.25 -2.23
C ARG A 119 -1.35 4.19 -2.34
N ASP A 120 -2.00 4.29 -3.51
CA ASP A 120 -3.23 5.09 -3.72
C ASP A 120 -3.93 4.65 -5.00
N VAL A 121 -5.27 4.66 -5.02
CA VAL A 121 -6.03 4.26 -6.21
C VAL A 121 -7.06 5.33 -6.52
N LEU A 122 -6.94 5.91 -7.72
CA LEU A 122 -7.83 6.94 -8.24
C LEU A 122 -8.80 6.33 -9.24
N ARG A 123 -10.08 6.71 -9.15
CA ARG A 123 -11.12 6.26 -10.07
C ARG A 123 -10.94 6.81 -11.50
N TRP A 124 -11.39 6.04 -12.50
CA TRP A 124 -11.49 6.46 -13.88
C TRP A 124 -12.99 6.51 -14.24
N PRO A 125 -13.56 7.62 -14.79
CA PRO A 125 -12.93 8.90 -15.17
C PRO A 125 -12.34 9.63 -13.95
N LEU A 126 -11.26 10.34 -14.20
CA LEU A 126 -10.53 11.02 -13.15
C LEU A 126 -11.24 12.30 -12.69
N GLU A 127 -11.34 12.46 -11.37
CA GLU A 127 -11.96 13.61 -10.71
C GLU A 127 -10.85 14.59 -10.25
N PRO A 128 -10.74 15.82 -10.82
CA PRO A 128 -9.63 16.71 -10.44
C PRO A 128 -9.50 16.96 -8.93
N ARG A 129 -10.60 16.94 -8.13
CA ARG A 129 -10.53 17.14 -6.68
C ARG A 129 -9.83 15.94 -6.03
N ALA A 130 -10.25 14.72 -6.41
CA ALA A 130 -9.65 13.46 -5.94
C ALA A 130 -8.14 13.42 -6.24
N LEU A 131 -7.76 13.70 -7.51
CA LEU A 131 -6.39 13.75 -8.00
C LEU A 131 -5.54 14.77 -7.23
N ASP A 132 -6.07 15.99 -7.04
CA ASP A 132 -5.38 17.06 -6.31
C ASP A 132 -5.05 16.58 -4.88
N ASP A 133 -6.05 16.00 -4.18
CA ASP A 133 -5.91 15.47 -2.82
C ASP A 133 -4.87 14.33 -2.77
N ALA A 134 -4.94 13.42 -3.76
CA ALA A 134 -4.04 12.27 -3.91
C ALA A 134 -2.58 12.70 -4.11
N LEU A 135 -2.36 13.74 -4.94
CA LEU A 135 -1.04 14.25 -5.28
C LEU A 135 -0.48 15.08 -4.14
N LYS A 136 -1.33 15.69 -3.31
CA LYS A 136 -0.88 16.45 -2.14
C LYS A 136 -0.49 15.48 -1.03
N ARG A 137 -1.16 14.31 -0.96
CA ARG A 137 -0.86 13.22 0.00
C ARG A 137 0.52 12.63 -0.24
N ALA A 138 0.84 12.36 -1.51
CA ALA A 138 2.11 11.80 -1.96
C ALA A 138 3.23 12.83 -1.90
N ALA A 139 2.90 14.13 -2.06
CA ALA A 139 3.86 15.22 -2.05
C ALA A 139 4.38 15.48 -0.64
N SER A 140 3.58 15.16 0.40
CA SER A 140 3.97 15.33 1.80
C SER A 140 5.11 14.36 2.18
N GLN A 141 5.11 13.16 1.56
CA GLN A 141 6.11 12.10 1.77
C GLN A 141 7.06 12.01 0.56
N ILE B 21 11.83 -14.86 10.29
CA ILE B 21 11.16 -13.56 10.21
C ILE B 21 10.57 -13.22 11.57
N ASN B 22 10.79 -11.98 12.06
CA ASN B 22 10.31 -11.50 13.36
C ASN B 22 9.00 -10.71 13.16
N ILE B 23 7.88 -11.21 13.74
CA ILE B 23 6.54 -10.63 13.63
C ILE B 23 6.01 -10.14 15.00
N LEU B 24 5.45 -8.91 15.01
CA LEU B 24 4.76 -8.33 16.15
C LEU B 24 3.28 -8.40 15.87
N VAL B 25 2.51 -9.02 16.78
CA VAL B 25 1.07 -9.18 16.65
C VAL B 25 0.41 -8.30 17.73
N ALA B 26 -0.58 -7.48 17.34
CA ALA B 26 -1.19 -6.53 18.26
C ALA B 26 -2.73 -6.51 18.17
N SER B 27 -3.39 -6.42 19.32
CA SER B 27 -4.84 -6.38 19.48
C SER B 27 -5.19 -5.81 20.83
N GLU B 28 -6.41 -5.30 21.01
CA GLU B 28 -6.78 -4.79 22.33
C GLU B 28 -7.57 -5.89 23.10
N ASP B 29 -7.66 -7.12 22.52
CA ASP B 29 -8.37 -8.26 23.11
C ASP B 29 -7.40 -9.44 23.24
N ALA B 30 -6.97 -9.74 24.48
CA ALA B 30 -6.02 -10.80 24.80
C ALA B 30 -6.44 -12.18 24.26
N SER B 31 -7.73 -12.60 24.38
CA SER B 31 -8.10 -13.94 23.87
C SER B 31 -7.99 -13.98 22.31
N ARG B 32 -8.37 -12.87 21.60
CA ARG B 32 -8.22 -12.73 20.14
C ARG B 32 -6.73 -12.75 19.74
N LEU B 33 -5.88 -12.02 20.48
CA LEU B 33 -4.43 -11.90 20.28
C LEU B 33 -3.74 -13.25 20.41
N ALA B 34 -4.08 -14.01 21.44
CA ALA B 34 -3.52 -15.34 21.65
C ALA B 34 -3.82 -16.24 20.44
N HIS B 35 -5.08 -16.25 19.99
CA HIS B 35 -5.51 -17.01 18.82
C HIS B 35 -4.69 -16.63 17.57
N LEU B 36 -4.56 -15.31 17.27
CA LEU B 36 -3.82 -14.80 16.12
CA LEU B 36 -3.85 -14.81 16.11
C LEU B 36 -2.36 -15.25 16.15
N ALA B 37 -1.68 -15.06 17.30
CA ALA B 37 -0.28 -15.45 17.46
C ALA B 37 -0.06 -16.95 17.23
N ARG B 38 -1.03 -17.80 17.59
CA ARG B 38 -0.89 -19.25 17.37
C ARG B 38 -0.94 -19.58 15.91
N LEU B 39 -1.91 -18.99 15.18
CA LEU B 39 -2.10 -19.24 13.75
C LEU B 39 -0.89 -18.78 12.95
N VAL B 40 -0.24 -17.68 13.41
CA VAL B 40 0.96 -17.13 12.78
C VAL B 40 2.11 -18.11 13.01
N GLY B 41 2.13 -18.76 14.17
CA GLY B 41 3.11 -19.77 14.51
C GLY B 41 2.95 -21.01 13.66
N ASP B 42 1.69 -21.44 13.45
CA ASP B 42 1.35 -22.62 12.64
C ASP B 42 1.61 -22.38 11.13
N ALA B 43 1.67 -21.10 10.69
CA ALA B 43 1.88 -20.68 9.29
C ALA B 43 3.35 -20.89 8.81
N GLY B 44 4.29 -20.97 9.75
CA GLY B 44 5.70 -21.15 9.44
C GLY B 44 6.64 -20.93 10.61
N ARG B 45 7.95 -21.04 10.36
CA ARG B 45 9.01 -20.90 11.36
C ARG B 45 9.36 -19.40 11.56
N TYR B 46 8.35 -18.56 11.90
CA TYR B 46 8.49 -17.13 12.19
C TYR B 46 8.69 -16.91 13.71
N ARG B 47 9.24 -15.75 14.11
CA ARG B 47 9.46 -15.38 15.52
C ARG B 47 8.35 -14.38 15.93
N VAL B 48 7.32 -14.92 16.57
CA VAL B 48 6.14 -14.17 16.94
C VAL B 48 6.26 -13.58 18.35
N THR B 49 5.87 -12.29 18.48
CA THR B 49 5.81 -11.49 19.70
C THR B 49 4.40 -10.86 19.76
N ARG B 50 3.72 -10.94 20.93
CA ARG B 50 2.36 -10.40 21.20
C ARG B 50 2.35 -9.13 22.02
N THR B 51 1.43 -8.23 21.71
CA THR B 51 1.28 -7.00 22.50
C THR B 51 -0.21 -6.63 22.59
N VAL B 52 -0.67 -6.37 23.81
CA VAL B 52 -2.05 -5.96 24.04
C VAL B 52 -2.05 -4.46 23.97
N GLY B 53 -2.60 -3.92 22.91
CA GLY B 53 -2.67 -2.48 22.73
C GLY B 53 -3.03 -2.08 21.32
N ARG B 54 -3.61 -0.89 21.20
CA ARG B 54 -3.99 -0.22 19.97
C ARG B 54 -2.76 0.35 19.28
N ALA B 55 -2.84 0.61 17.95
CA ALA B 55 -1.74 1.25 17.21
C ALA B 55 -1.32 2.58 17.89
N ALA B 56 -2.33 3.37 18.35
CA ALA B 56 -2.20 4.65 19.09
C ALA B 56 -1.33 4.52 20.33
N GLN B 57 -1.34 3.32 20.96
CA GLN B 57 -0.58 3.03 22.17
C GLN B 57 0.85 2.56 21.83
N ILE B 58 1.04 1.84 20.71
CA ILE B 58 2.37 1.36 20.26
C ILE B 58 3.19 2.58 19.76
N VAL B 59 2.50 3.65 19.28
CA VAL B 59 3.07 4.93 18.80
C VAL B 59 3.80 5.65 19.96
N GLN B 60 3.28 5.51 21.20
CA GLN B 60 3.81 6.13 22.42
C GLN B 60 5.01 5.36 23.01
N ARG B 61 5.09 4.04 22.79
CA ARG B 61 6.17 3.19 23.30
C ARG B 61 7.02 2.63 22.11
N THR B 62 7.12 3.44 21.01
CA THR B 62 7.79 3.22 19.70
C THR B 62 9.22 2.60 19.83
N ASP B 63 9.85 2.73 21.02
CA ASP B 63 11.19 2.22 21.32
C ASP B 63 11.23 0.66 21.21
N GLY B 64 11.70 0.17 20.07
CA GLY B 64 11.86 -1.25 19.80
C GLY B 64 11.31 -1.83 18.50
N LEU B 65 10.39 -1.11 17.81
CA LEU B 65 9.73 -1.57 16.58
C LEU B 65 10.72 -1.89 15.43
N ASP B 66 11.96 -1.37 15.49
CA ASP B 66 13.01 -1.56 14.49
C ASP B 66 13.46 -3.04 14.41
N ALA B 67 13.15 -3.83 15.44
CA ALA B 67 13.51 -5.24 15.51
C ALA B 67 12.60 -6.11 14.65
N PHE B 68 11.39 -5.62 14.33
CA PHE B 68 10.36 -6.38 13.62
C PHE B 68 10.31 -6.07 12.12
N ASP B 69 9.92 -7.11 11.36
CA ASP B 69 9.78 -7.13 9.90
C ASP B 69 8.32 -6.96 9.49
N ILE B 70 7.41 -7.60 10.22
CA ILE B 70 5.96 -7.53 9.99
C ILE B 70 5.27 -7.09 11.27
N LEU B 71 4.30 -6.16 11.16
CA LEU B 71 3.42 -5.72 12.25
C LEU B 71 1.99 -6.10 11.87
N ILE B 73 -1.91 -5.82 12.98
CA ILE B 73 -2.86 -5.11 13.83
C ILE B 73 -4.26 -5.68 13.61
N ASP B 74 -4.95 -6.02 14.70
CA ASP B 74 -6.32 -6.53 14.69
C ASP B 74 -7.30 -5.32 14.61
N GLY B 75 -7.70 -5.00 13.37
CA GLY B 75 -8.55 -3.88 13.00
C GLY B 75 -10.00 -3.96 13.42
N VAL B 76 -10.22 -4.13 14.73
CA VAL B 76 -11.55 -4.22 15.32
C VAL B 76 -12.16 -2.79 15.34
N ALA B 77 -11.76 -1.93 16.31
CA ALA B 77 -12.25 -0.55 16.45
C ALA B 77 -11.44 0.39 15.55
N LEU B 78 -11.39 0.08 14.25
CA LEU B 78 -10.63 0.86 13.29
C LEU B 78 -11.35 2.19 13.01
N ASP B 79 -10.70 3.30 13.41
CA ASP B 79 -11.20 4.68 13.27
C ASP B 79 -10.09 5.62 12.77
N THR B 80 -10.36 6.95 12.79
CA THR B 80 -9.45 8.01 12.31
C THR B 80 -8.15 8.04 13.14
N ALA B 81 -8.24 8.00 14.49
CA ALA B 81 -7.06 8.02 15.37
C ALA B 81 -6.14 6.79 15.17
N GLU B 82 -6.75 5.59 14.96
CA GLU B 82 -5.99 4.35 14.73
C GLU B 82 -5.29 4.35 13.39
N LEU B 83 -5.96 4.90 12.35
CA LEU B 83 -5.39 5.02 11.00
C LEU B 83 -4.28 6.07 11.00
N ALA B 84 -4.40 7.12 11.82
CA ALA B 84 -3.36 8.15 11.99
C ALA B 84 -2.11 7.54 12.66
N ALA B 85 -2.34 6.61 13.61
CA ALA B 85 -1.30 5.91 14.35
C ALA B 85 -0.53 4.92 13.45
N ILE B 86 -1.25 4.17 12.57
CA ILE B 86 -0.66 3.22 11.62
C ILE B 86 0.17 4.00 10.58
N GLU B 87 -0.36 5.16 10.13
CA GLU B 87 0.33 6.01 9.16
C GLU B 87 1.63 6.53 9.79
N LYS B 88 1.61 6.88 11.08
CA LYS B 88 2.77 7.40 11.80
C LYS B 88 3.79 6.28 12.01
N LEU B 89 3.32 5.04 12.28
CA LEU B 89 4.17 3.85 12.49
C LEU B 89 4.86 3.43 11.22
N SER B 90 4.10 3.31 10.11
CA SER B 90 4.61 2.87 8.81
C SER B 90 5.62 3.87 8.27
N ARG B 91 5.39 5.18 8.49
CA ARG B 91 6.22 6.28 8.03
C ARG B 91 7.55 6.34 8.80
N LEU B 92 7.52 6.03 10.11
CA LEU B 92 8.72 6.05 10.97
C LEU B 92 9.54 4.74 10.90
N HIS B 93 8.92 3.63 10.43
CA HIS B 93 9.58 2.33 10.32
C HIS B 93 9.31 1.78 8.90
N PRO B 94 10.16 2.16 7.92
CA PRO B 94 9.90 1.74 6.52
C PRO B 94 10.16 0.24 6.28
N GLY B 95 11.08 -0.34 7.05
CA GLY B 95 11.38 -1.76 6.98
C GLY B 95 10.30 -2.64 7.59
N LEU B 96 9.26 -2.00 8.16
CA LEU B 96 8.14 -2.66 8.81
C LEU B 96 6.94 -2.73 7.87
N THR B 97 6.51 -3.97 7.55
CA THR B 97 5.35 -4.30 6.75
C THR B 97 4.13 -4.34 7.67
N CYS B 98 3.20 -3.39 7.51
CA CYS B 98 2.01 -3.39 8.35
C CYS B 98 0.87 -4.10 7.65
N LEU B 100 -3.25 -5.56 8.40
CA LEU B 100 -4.46 -5.36 9.16
C LEU B 100 -5.33 -6.61 9.09
N VAL B 101 -5.87 -7.04 10.23
CA VAL B 101 -6.77 -8.20 10.32
C VAL B 101 -8.13 -7.61 10.63
N SER B 102 -9.03 -7.61 9.65
CA SER B 102 -10.34 -7.01 9.83
C SER B 102 -11.44 -7.86 9.24
N ALA B 103 -12.67 -7.69 9.74
CA ALA B 103 -13.84 -8.37 9.21
C ALA B 103 -14.50 -7.48 8.12
N ASP B 104 -14.14 -6.18 8.12
CA ASP B 104 -14.59 -5.13 7.20
C ASP B 104 -13.87 -5.26 5.86
N ALA B 105 -14.62 -5.73 4.86
CA ALA B 105 -14.11 -5.94 3.51
C ALA B 105 -14.47 -4.79 2.54
N SER B 106 -14.91 -3.61 3.05
CA SER B 106 -15.33 -2.50 2.16
C SER B 106 -14.14 -1.85 1.45
N SER B 107 -14.39 -1.42 0.21
CA SER B 107 -13.41 -0.75 -0.66
C SER B 107 -12.85 0.50 0.03
N GLN B 108 -13.73 1.24 0.72
CA GLN B 108 -13.42 2.50 1.40
C GLN B 108 -12.44 2.27 2.54
N THR B 109 -12.66 1.22 3.38
CA THR B 109 -11.78 0.87 4.49
C THR B 109 -10.41 0.44 3.94
N LEU B 110 -10.40 -0.35 2.85
CA LEU B 110 -9.16 -0.81 2.22
C LEU B 110 -8.33 0.37 1.72
N LEU B 111 -9.01 1.33 1.08
CA LEU B 111 -8.45 2.57 0.57
C LEU B 111 -7.84 3.39 1.71
N GLU B 112 -8.53 3.48 2.85
CA GLU B 112 -8.02 4.18 4.05
C GLU B 112 -6.75 3.54 4.59
N ALA B 113 -6.75 2.19 4.70
CA ALA B 113 -5.64 1.36 5.18
C ALA B 113 -4.44 1.53 4.27
N ARG B 115 -3.74 4.03 2.25
CA ARG B 115 -3.33 5.43 2.42
C ARG B 115 -2.61 5.63 3.77
N ALA B 116 -2.84 4.74 4.75
CA ALA B 116 -2.17 4.77 6.05
C ALA B 116 -0.89 3.91 6.02
N GLY B 117 -0.58 3.31 4.88
CA GLY B 117 0.61 2.48 4.72
C GLY B 117 0.47 0.99 4.97
N VAL B 118 -0.78 0.49 5.09
CA VAL B 118 -1.05 -0.93 5.29
C VAL B 118 -0.72 -1.59 3.96
N ARG B 119 0.10 -2.66 3.98
CA ARG B 119 0.54 -3.30 2.74
C ARG B 119 -0.21 -4.63 2.45
N ASP B 120 -1.11 -5.08 3.37
CA ASP B 120 -1.94 -6.29 3.19
C ASP B 120 -3.07 -6.29 4.18
N VAL B 121 -4.25 -6.84 3.81
CA VAL B 121 -5.41 -6.91 4.71
C VAL B 121 -5.97 -8.32 4.68
N LEU B 122 -5.92 -8.98 5.85
CA LEU B 122 -6.45 -10.32 6.04
C LEU B 122 -7.82 -10.28 6.68
N ARG B 123 -8.69 -11.15 6.19
CA ARG B 123 -10.05 -11.29 6.67
C ARG B 123 -10.12 -11.96 8.05
N TRP B 124 -11.13 -11.57 8.83
CA TRP B 124 -11.51 -12.18 10.09
C TRP B 124 -12.90 -12.79 9.87
N PRO B 125 -13.11 -14.09 10.17
CA PRO B 125 -12.19 -15.07 10.78
C PRO B 125 -10.97 -15.36 9.91
N LEU B 126 -9.83 -15.64 10.54
CA LEU B 126 -8.59 -15.85 9.82
C LEU B 126 -8.54 -17.24 9.17
N GLU B 127 -8.19 -17.28 7.87
CA GLU B 127 -8.07 -18.48 7.06
C GLU B 127 -6.59 -18.86 6.97
N PRO B 128 -6.14 -20.02 7.52
CA PRO B 128 -4.70 -20.35 7.49
C PRO B 128 -4.06 -20.33 6.09
N ARG B 129 -4.82 -20.63 5.01
CA ARG B 129 -4.27 -20.58 3.64
C ARG B 129 -3.98 -19.13 3.26
N ALA B 130 -4.94 -18.22 3.49
CA ALA B 130 -4.80 -16.78 3.24
C ALA B 130 -3.60 -16.20 3.99
N LEU B 131 -3.51 -16.49 5.32
CA LEU B 131 -2.43 -16.05 6.22
C LEU B 131 -1.07 -16.55 5.73
N ASP B 132 -0.96 -17.85 5.37
CA ASP B 132 0.29 -18.45 4.87
C ASP B 132 0.76 -17.69 3.64
N ASP B 133 -0.15 -17.46 2.65
CA ASP B 133 0.13 -16.74 1.40
C ASP B 133 0.58 -15.30 1.69
N ALA B 134 -0.12 -14.62 2.63
CA ALA B 134 0.14 -13.24 3.04
C ALA B 134 1.53 -13.09 3.68
N LEU B 135 1.90 -14.06 4.53
CA LEU B 135 3.16 -14.05 5.26
C LEU B 135 4.31 -14.44 4.34
N LYS B 136 4.06 -15.23 3.27
CA LYS B 136 5.10 -15.59 2.31
C LYS B 136 5.38 -14.40 1.38
N ARG B 137 4.35 -13.55 1.10
CA ARG B 137 4.50 -12.35 0.28
C ARG B 137 5.38 -11.32 0.99
N ALA B 138 5.13 -11.10 2.31
CA ALA B 138 5.88 -10.17 3.14
C ALA B 138 7.30 -10.69 3.44
N ALA B 139 7.47 -12.02 3.45
CA ALA B 139 8.76 -12.68 3.72
C ALA B 139 9.74 -12.50 2.57
N SER B 140 9.21 -12.34 1.33
CA SER B 140 10.01 -12.12 0.11
C SER B 140 10.72 -10.76 0.17
N GLN B 141 10.07 -9.75 0.81
CA GLN B 141 10.61 -8.40 0.99
C GLN B 141 11.07 -8.18 2.46
#